data_7F8X
#
_entry.id   7F8X
#
_cell.length_a   56.600
_cell.length_b   72.500
_cell.length_c   87.000
_cell.angle_alpha   90.00
_cell.angle_beta   100.00
_cell.angle_gamma   90.00
#
_symmetry.space_group_name_H-M   'P 1 21 1'
#
loop_
_entity.id
_entity.type
_entity.pdbx_description
1 polymer 'Cholecystokinin receptor type A,Endolysin'
2 polymer 'ASP-SMF-NLE-GLY-TRP-NLE-OEM-MEA-NH2 (NN9056)'
#
loop_
_entity_poly.entity_id
_entity_poly.type
_entity_poly.pdbx_seq_one_letter_code
_entity_poly.pdbx_strand_id
1 'polypeptide(L)'
;DYKDDDDGAPDVVDSLLVNGSNITPPCELGLENETLFCLDQPRPSKEWQPAVQILLYSLIFLLSVLGNTLVITVLIRNKR
MRTVTNIFLLSLAVSDLMLCLFCMPFNLIPNLLKDFIFGSAVCKTTTYFMGTSVSVSTWNLVAISLERYGAICKPLQSRV
WQTKSHALKVIAATWCLSFTIMTPYPIYSNLVPFTKNNNQTANMCRFLLPNDVMQQSWHTFLLLILFLIPGIVMMVAYGL
ISLELYQGINIFEMLRIDEGLRLKIYKDTEGYYTIGIGHLLTKSPSLNAAKSELDKAIGRNTNGVITKDEAEKLFNQDVD
AAVRGILRNAKLKPVYDSLDAVRRAALINMVFQMGETGVAGFTNSLRMLQQKRWDEAAVNLAKSRWYNQTPNRAKRVITT
FRTGTWDAYAANLMAKKRVIRMLIVIVVLFFLCWMPIFSANAWRAYDTASAERRLSGTPISFILLLSYTSSCVNPIIYCF
MNKRFRLGFMATFPCCPNPGPPGARGEVGEEEEGEFLEVLFQGPHHHHHHHHHH
;
A
2 'polypeptide(L)' D(SMF)(NLE)GW(NLE)(OEM)(MEA)(NH2) C
#
# COMPACT_ATOMS: atom_id res chain seq x y z
N LYS A 46 -32.96 25.12 -18.68
CA LYS A 46 -32.59 26.52 -18.78
C LYS A 46 -31.08 26.61 -19.02
N GLU A 47 -30.50 27.81 -19.00
CA GLU A 47 -29.10 27.97 -19.38
C GLU A 47 -28.13 27.51 -18.31
N TRP A 48 -28.57 27.34 -17.06
CA TRP A 48 -27.63 27.06 -15.99
C TRP A 48 -27.13 25.61 -16.01
N GLN A 49 -27.95 24.67 -16.48
CA GLN A 49 -27.52 23.28 -16.49
C GLN A 49 -26.42 23.03 -17.51
N PRO A 50 -26.50 23.50 -18.76
CA PRO A 50 -25.38 23.28 -19.68
C PRO A 50 -24.12 24.02 -19.27
N ALA A 51 -24.26 25.22 -18.71
CA ALA A 51 -23.08 26.01 -18.35
C ALA A 51 -22.25 25.34 -17.26
N VAL A 52 -22.90 24.79 -16.24
CA VAL A 52 -22.16 24.13 -15.18
C VAL A 52 -21.61 22.80 -15.64
N GLN A 53 -22.25 22.17 -16.63
CA GLN A 53 -21.73 20.91 -17.15
C GLN A 53 -20.45 21.11 -17.95
N ILE A 54 -20.29 22.28 -18.58
CA ILE A 54 -19.10 22.54 -19.37
C ILE A 54 -17.91 22.84 -18.47
N LEU A 55 -18.11 23.70 -17.46
CA LEU A 55 -16.98 24.09 -16.62
C LEU A 55 -16.59 22.97 -15.67
N LEU A 56 -17.54 22.10 -15.28
CA LEU A 56 -17.18 20.95 -14.46
C LEU A 56 -16.39 19.92 -15.26
N TYR A 57 -16.86 19.60 -16.47
CA TYR A 57 -16.16 18.60 -17.28
C TYR A 57 -14.83 19.12 -17.79
N SER A 58 -14.73 20.41 -18.10
CA SER A 58 -13.46 20.96 -18.56
C SER A 58 -12.42 21.00 -17.44
N LEU A 59 -12.86 21.19 -16.20
CA LEU A 59 -11.91 21.20 -15.08
C LEU A 59 -11.41 19.80 -14.78
N ILE A 60 -12.31 18.82 -14.68
CA ILE A 60 -11.89 17.45 -14.39
C ILE A 60 -11.12 16.85 -15.56
N PHE A 61 -11.30 17.37 -16.77
CA PHE A 61 -10.48 16.92 -17.89
C PHE A 61 -9.06 17.44 -17.76
N LEU A 62 -8.91 18.71 -17.39
CA LEU A 62 -7.57 19.29 -17.21
C LEU A 62 -6.86 18.67 -16.01
N LEU A 63 -7.60 18.39 -14.94
CA LEU A 63 -6.97 17.84 -13.75
C LEU A 63 -6.50 16.41 -13.97
N SER A 64 -7.31 15.57 -14.61
CA SER A 64 -6.93 14.19 -14.84
C SER A 64 -5.90 14.03 -15.94
N VAL A 65 -5.77 15.00 -16.84
CA VAL A 65 -4.76 14.91 -17.90
C VAL A 65 -3.44 15.52 -17.49
N LEU A 66 -3.42 16.38 -16.47
CA LEU A 66 -2.18 16.93 -15.94
C LEU A 66 -1.54 16.02 -14.91
N GLY A 67 -2.35 15.41 -14.04
CA GLY A 67 -1.78 14.56 -13.00
C GLY A 67 -1.35 13.20 -13.53
N ASN A 68 -2.21 12.55 -14.30
CA ASN A 68 -1.87 11.22 -14.83
C ASN A 68 -0.70 11.27 -15.79
N THR A 69 -0.57 12.36 -16.55
CA THR A 69 0.62 12.53 -17.38
C THR A 69 1.85 12.80 -16.53
N LEU A 70 1.67 13.43 -15.37
CA LEU A 70 2.79 13.70 -14.48
C LEU A 70 3.28 12.42 -13.80
N VAL A 71 2.36 11.58 -13.34
CA VAL A 71 2.77 10.39 -12.60
C VAL A 71 3.39 9.34 -13.51
N ILE A 72 2.96 9.28 -14.77
CA ILE A 72 3.61 8.35 -15.69
C ILE A 72 4.98 8.84 -16.11
N THR A 73 5.24 10.14 -15.96
CA THR A 73 6.56 10.68 -16.27
C THR A 73 7.53 10.45 -15.12
N VAL A 74 7.14 10.81 -13.90
CA VAL A 74 8.03 10.67 -12.75
C VAL A 74 8.37 9.22 -12.47
N LEU A 75 7.54 8.28 -12.92
CA LEU A 75 7.84 6.87 -12.77
C LEU A 75 8.72 6.35 -13.90
N ILE A 76 8.49 6.82 -15.12
CA ILE A 76 9.32 6.41 -16.25
C ILE A 76 10.66 7.12 -16.28
N ARG A 77 10.83 8.19 -15.51
CA ARG A 77 12.09 8.91 -15.44
C ARG A 77 13.00 8.38 -14.33
N ASN A 78 12.43 8.16 -13.14
CA ASN A 78 13.20 7.74 -11.97
C ASN A 78 12.98 6.24 -11.76
N LYS A 79 14.03 5.46 -12.00
CA LYS A 79 13.98 4.03 -11.70
C LYS A 79 13.99 3.77 -10.19
N ARG A 80 14.41 4.76 -9.40
CA ARG A 80 14.40 4.60 -7.95
C ARG A 80 12.98 4.52 -7.40
N MET A 81 12.02 5.14 -8.09
CA MET A 81 10.64 5.17 -7.63
C MET A 81 9.85 3.94 -8.03
N ARG A 82 10.33 3.18 -9.02
CA ARG A 82 9.57 2.05 -9.55
C ARG A 82 9.65 0.86 -8.60
N THR A 83 8.91 0.98 -7.51
CA THR A 83 8.74 -0.15 -6.59
C THR A 83 7.62 -1.05 -7.11
N VAL A 84 7.40 -2.18 -6.42
CA VAL A 84 6.37 -3.11 -6.84
C VAL A 84 4.99 -2.47 -6.73
N THR A 85 4.78 -1.66 -5.70
CA THR A 85 3.49 -0.99 -5.53
C THR A 85 3.27 0.07 -6.60
N ASN A 86 4.33 0.80 -6.96
CA ASN A 86 4.21 1.88 -7.94
C ASN A 86 4.01 1.35 -9.36
N ILE A 87 4.39 0.10 -9.62
CA ILE A 87 4.16 -0.48 -10.95
C ILE A 87 2.66 -0.62 -11.20
N PHE A 88 1.91 -1.09 -10.19
CA PHE A 88 0.47 -1.15 -10.34
C PHE A 88 -0.15 0.24 -10.44
N LEU A 89 0.36 1.19 -9.66
CA LEU A 89 -0.14 2.56 -9.72
C LEU A 89 0.12 3.21 -11.07
N LEU A 90 1.12 2.72 -11.80
CA LEU A 90 1.31 3.18 -13.18
C LEU A 90 0.22 2.64 -14.10
N SER A 91 -0.14 1.36 -13.93
CA SER A 91 -1.24 0.80 -14.69
C SER A 91 -2.56 1.46 -14.32
N LEU A 92 -2.77 1.72 -13.03
CA LEU A 92 -3.97 2.44 -12.60
C LEU A 92 -4.04 3.83 -13.20
N ALA A 93 -2.89 4.47 -13.41
CA ALA A 93 -2.87 5.81 -13.98
C ALA A 93 -3.04 5.79 -15.50
N VAL A 94 -2.66 4.69 -16.16
CA VAL A 94 -2.86 4.58 -17.60
C VAL A 94 -4.34 4.39 -17.92
N SER A 95 -5.04 3.62 -17.10
CA SER A 95 -6.47 3.40 -17.33
C SER A 95 -7.27 4.67 -17.06
N ASP A 96 -6.87 5.44 -16.04
CA ASP A 96 -7.57 6.69 -15.75
C ASP A 96 -7.41 7.70 -16.88
N LEU A 97 -6.26 7.69 -17.55
CA LEU A 97 -6.08 8.55 -18.71
C LEU A 97 -6.76 7.98 -19.95
N MET A 98 -6.80 6.66 -20.07
CA MET A 98 -7.57 6.02 -21.14
C MET A 98 -9.05 6.37 -21.03
N LEU A 99 -9.56 6.43 -19.80
CA LEU A 99 -10.98 6.74 -19.60
C LEU A 99 -11.27 8.22 -19.71
N CYS A 100 -10.28 9.08 -19.43
CA CYS A 100 -10.50 10.51 -19.53
C CYS A 100 -10.35 11.01 -20.96
N LEU A 101 -9.30 10.54 -21.66
CA LEU A 101 -9.05 11.02 -23.02
C LEU A 101 -10.02 10.39 -24.02
N PHE A 102 -10.15 9.06 -23.99
CA PHE A 102 -10.86 8.33 -25.02
C PHE A 102 -12.35 8.13 -24.72
N CYS A 103 -12.83 8.58 -23.56
CA CYS A 103 -14.20 8.24 -23.18
C CYS A 103 -14.96 9.43 -22.60
N MET A 104 -14.30 10.26 -21.81
CA MET A 104 -15.00 11.38 -21.18
C MET A 104 -15.61 12.37 -22.19
N PRO A 105 -14.94 12.73 -23.30
CA PRO A 105 -15.63 13.59 -24.28
C PRO A 105 -16.87 12.95 -24.87
N PHE A 106 -16.77 11.70 -25.34
CA PHE A 106 -17.89 10.99 -25.95
C PHE A 106 -19.03 10.69 -24.97
N ASN A 107 -19.01 11.28 -23.78
CA ASN A 107 -20.08 11.17 -22.80
C ASN A 107 -20.75 12.51 -22.51
N LEU A 108 -20.03 13.62 -22.65
CA LEU A 108 -20.59 14.94 -22.36
C LEU A 108 -21.22 15.58 -23.61
N ILE A 109 -20.46 15.72 -24.68
CA ILE A 109 -20.94 16.41 -25.87
C ILE A 109 -22.07 15.62 -26.56
N PRO A 110 -22.14 14.28 -26.49
CA PRO A 110 -23.38 13.64 -26.94
C PRO A 110 -24.57 14.00 -26.08
N ASN A 111 -24.37 14.14 -24.77
CA ASN A 111 -25.48 14.51 -23.89
C ASN A 111 -25.88 15.96 -24.10
N LEU A 112 -24.91 16.85 -24.28
CA LEU A 112 -25.22 18.26 -24.51
C LEU A 112 -25.95 18.47 -25.82
N LEU A 113 -25.66 17.64 -26.82
CA LEU A 113 -26.32 17.72 -28.12
C LEU A 113 -27.63 16.93 -28.17
N LYS A 114 -27.88 16.06 -27.19
CA LYS A 114 -29.03 15.16 -27.19
C LYS A 114 -29.06 14.30 -28.45
N ASP A 115 -27.89 13.97 -28.98
CA ASP A 115 -27.76 13.20 -30.21
C ASP A 115 -26.34 12.70 -30.31
N PHE A 116 -26.19 11.44 -30.74
CA PHE A 116 -24.87 10.83 -30.92
C PHE A 116 -24.45 11.02 -32.37
N ILE A 117 -23.88 12.20 -32.65
CA ILE A 117 -23.50 12.54 -34.02
C ILE A 117 -22.36 11.66 -34.50
N PHE A 118 -21.55 11.13 -33.59
CA PHE A 118 -20.45 10.26 -33.97
C PHE A 118 -20.98 8.93 -34.50
N GLY A 119 -20.09 8.19 -35.17
CA GLY A 119 -20.48 6.99 -35.86
C GLY A 119 -20.90 5.86 -34.93
N SER A 120 -21.30 4.75 -35.57
CA SER A 120 -21.67 3.55 -34.82
C SER A 120 -20.47 2.75 -34.36
N ALA A 121 -19.32 2.90 -35.03
CA ALA A 121 -18.12 2.18 -34.64
C ALA A 121 -17.49 2.76 -33.38
N VAL A 122 -17.72 4.04 -33.07
CA VAL A 122 -17.19 4.63 -31.86
C VAL A 122 -18.11 4.41 -30.67
N CYS A 123 -19.42 4.23 -30.91
CA CYS A 123 -20.31 3.78 -29.84
C CYS A 123 -19.90 2.42 -29.33
N LYS A 124 -19.33 1.57 -30.20
CA LYS A 124 -18.82 0.28 -29.78
C LYS A 124 -17.43 0.39 -29.17
N THR A 125 -16.65 1.39 -29.56
CA THR A 125 -15.27 1.52 -29.09
C THR A 125 -15.21 2.17 -27.72
N THR A 126 -15.95 3.27 -27.53
CA THR A 126 -15.92 3.96 -26.24
C THR A 126 -16.46 3.07 -25.12
N THR A 127 -17.62 2.45 -25.35
CA THR A 127 -18.18 1.55 -24.35
C THR A 127 -17.25 0.38 -24.07
N TYR A 128 -16.47 -0.04 -25.06
CA TYR A 128 -15.47 -1.08 -24.82
C TYR A 128 -14.37 -0.59 -23.90
N PHE A 129 -13.90 0.63 -24.12
CA PHE A 129 -12.83 1.18 -23.28
C PHE A 129 -13.35 1.66 -21.93
N MET A 130 -14.60 2.10 -21.87
CA MET A 130 -15.18 2.49 -20.59
C MET A 130 -15.29 1.29 -19.64
N GLY A 131 -15.57 0.11 -20.18
CA GLY A 131 -15.70 -1.08 -19.36
C GLY A 131 -14.37 -1.68 -18.99
N THR A 132 -13.41 -1.64 -19.92
CA THR A 132 -12.08 -2.17 -19.64
C THR A 132 -11.36 -1.33 -18.59
N SER A 133 -11.56 -0.01 -18.62
CA SER A 133 -10.86 0.87 -17.69
C SER A 133 -11.26 0.60 -16.24
N VAL A 134 -12.55 0.36 -15.99
CA VAL A 134 -12.99 0.12 -14.62
C VAL A 134 -12.53 -1.26 -14.14
N SER A 135 -12.46 -2.23 -15.04
CA SER A 135 -12.07 -3.58 -14.65
C SER A 135 -10.61 -3.66 -14.23
N VAL A 136 -9.71 -3.03 -15.00
CA VAL A 136 -8.30 -3.04 -14.62
C VAL A 136 -8.07 -2.19 -13.38
N SER A 137 -8.82 -1.10 -13.23
CA SER A 137 -8.62 -0.23 -12.08
C SER A 137 -9.03 -0.91 -10.78
N THR A 138 -10.14 -1.65 -10.79
CA THR A 138 -10.54 -2.37 -9.59
C THR A 138 -9.58 -3.50 -9.28
N TRP A 139 -9.14 -4.24 -10.30
CA TRP A 139 -8.30 -5.40 -10.07
C TRP A 139 -6.82 -5.06 -9.94
N ASN A 140 -6.42 -3.84 -10.28
CA ASN A 140 -5.10 -3.36 -9.88
C ASN A 140 -5.11 -2.86 -8.45
N LEU A 141 -6.26 -2.38 -7.97
CA LEU A 141 -6.37 -1.93 -6.59
C LEU A 141 -6.39 -3.10 -5.61
N VAL A 142 -6.76 -4.30 -6.06
CA VAL A 142 -6.62 -5.48 -5.22
C VAL A 142 -5.23 -6.09 -5.34
N ALA A 143 -4.51 -5.80 -6.42
CA ALA A 143 -3.14 -6.30 -6.55
C ALA A 143 -2.21 -5.61 -5.56
N ILE A 144 -2.42 -4.32 -5.32
CA ILE A 144 -1.62 -3.62 -4.33
C ILE A 144 -2.00 -4.06 -2.92
N SER A 145 -3.27 -4.39 -2.70
CA SER A 145 -3.68 -4.91 -1.40
C SER A 145 -3.05 -6.26 -1.12
N LEU A 146 -3.02 -7.14 -2.13
CA LEU A 146 -2.33 -8.42 -1.98
C LEU A 146 -0.82 -8.23 -1.85
N GLU A 147 -0.27 -7.21 -2.51
CA GLU A 147 1.16 -6.93 -2.40
C GLU A 147 1.53 -6.46 -1.00
N ARG A 148 0.76 -5.50 -0.46
CA ARG A 148 1.03 -5.00 0.88
C ARG A 148 0.75 -6.03 1.96
N TYR A 149 -0.12 -7.01 1.68
CA TYR A 149 -0.37 -8.07 2.66
C TYR A 149 0.81 -9.03 2.73
N GLY A 150 1.32 -9.44 1.57
CA GLY A 150 2.45 -10.36 1.56
C GLY A 150 3.74 -9.74 2.04
N ALA A 151 3.89 -8.42 1.88
CA ALA A 151 5.11 -7.75 2.31
C ALA A 151 5.12 -7.42 3.79
N ILE A 152 3.95 -7.36 4.43
CA ILE A 152 3.83 -6.99 5.84
C ILE A 152 3.42 -8.18 6.70
N CYS A 153 2.31 -8.82 6.37
CA CYS A 153 1.75 -9.85 7.24
C CYS A 153 2.54 -11.16 7.16
N LYS A 154 2.99 -11.55 5.96
CA LYS A 154 3.75 -12.77 5.76
C LYS A 154 4.97 -12.50 4.87
N PRO A 155 5.97 -11.78 5.40
CA PRO A 155 7.14 -11.44 4.59
C PRO A 155 8.03 -12.63 4.27
N LEU A 156 7.73 -13.83 4.77
CA LEU A 156 8.59 -14.98 4.58
C LEU A 156 8.25 -15.78 3.32
N GLN A 157 6.96 -15.93 3.02
CA GLN A 157 6.52 -16.79 1.92
C GLN A 157 5.96 -15.99 0.75
N SER A 158 6.27 -14.69 0.67
CA SER A 158 5.76 -13.84 -0.41
C SER A 158 6.85 -13.44 -1.39
N ARG A 159 8.04 -14.03 -1.29
CA ARG A 159 9.15 -13.64 -2.16
C ARG A 159 8.82 -13.82 -3.63
N VAL A 160 7.92 -14.76 -3.96
CA VAL A 160 7.50 -14.96 -5.35
C VAL A 160 6.56 -13.87 -5.83
N TRP A 161 6.13 -12.97 -4.95
CA TRP A 161 5.20 -11.91 -5.31
C TRP A 161 5.87 -10.56 -5.51
N GLN A 162 6.80 -10.18 -4.63
CA GLN A 162 7.46 -8.88 -4.73
C GLN A 162 8.58 -8.85 -5.77
N THR A 163 8.66 -9.87 -6.64
CA THR A 163 9.59 -9.81 -7.76
C THR A 163 8.95 -9.01 -8.90
N LYS A 164 9.76 -8.20 -9.58
CA LYS A 164 9.24 -7.29 -10.59
C LYS A 164 8.66 -8.04 -11.79
N SER A 165 9.17 -9.23 -12.09
CA SER A 165 8.64 -9.99 -13.22
C SER A 165 7.23 -10.52 -12.93
N HIS A 166 6.89 -10.71 -11.66
CA HIS A 166 5.55 -11.18 -11.32
C HIS A 166 4.52 -10.07 -11.53
N ALA A 167 4.85 -8.83 -11.14
CA ALA A 167 3.92 -7.73 -11.29
C ALA A 167 3.66 -7.41 -12.76
N LEU A 168 4.65 -7.64 -13.62
CA LEU A 168 4.46 -7.35 -15.05
C LEU A 168 3.50 -8.34 -15.69
N LYS A 169 3.54 -9.60 -15.27
CA LYS A 169 2.68 -10.61 -15.87
C LYS A 169 1.26 -10.61 -15.31
N VAL A 170 1.03 -9.94 -14.19
CA VAL A 170 -0.33 -9.84 -13.68
C VAL A 170 -1.02 -8.56 -14.17
N ILE A 171 -0.26 -7.50 -14.44
CA ILE A 171 -0.86 -6.35 -15.12
C ILE A 171 -1.07 -6.66 -16.60
N ALA A 172 -0.28 -7.58 -17.15
CA ALA A 172 -0.54 -8.06 -18.50
C ALA A 172 -1.80 -8.93 -18.52
N ALA A 173 -1.98 -9.76 -17.50
CA ALA A 173 -3.20 -10.56 -17.40
C ALA A 173 -4.41 -9.71 -17.05
N THR A 174 -4.22 -8.67 -16.23
CA THR A 174 -5.33 -7.80 -15.90
C THR A 174 -5.83 -7.04 -17.13
N TRP A 175 -4.91 -6.54 -17.95
CA TRP A 175 -5.32 -5.81 -19.15
C TRP A 175 -5.85 -6.76 -20.22
N CYS A 176 -5.25 -7.95 -20.35
CA CYS A 176 -5.68 -8.88 -21.39
C CYS A 176 -7.06 -9.44 -21.09
N LEU A 177 -7.27 -9.93 -19.85
CA LEU A 177 -8.56 -10.51 -19.51
C LEU A 177 -9.66 -9.46 -19.41
N SER A 178 -9.31 -8.22 -19.10
CA SER A 178 -10.32 -7.16 -19.04
C SER A 178 -10.89 -6.88 -20.42
N PHE A 179 -10.05 -6.91 -21.46
CA PHE A 179 -10.54 -6.74 -22.81
C PHE A 179 -11.37 -7.95 -23.26
N THR A 180 -11.06 -9.12 -22.74
CA THR A 180 -11.79 -10.33 -23.11
C THR A 180 -13.11 -10.45 -22.35
N ILE A 181 -13.13 -10.06 -21.08
CA ILE A 181 -14.35 -10.13 -20.29
C ILE A 181 -15.38 -9.12 -20.81
N MET A 182 -14.93 -7.91 -21.15
CA MET A 182 -15.82 -6.86 -21.61
C MET A 182 -16.11 -6.94 -23.11
N THR A 183 -15.97 -8.13 -23.71
CA THR A 183 -16.29 -8.28 -25.12
C THR A 183 -17.76 -8.06 -25.46
N PRO A 184 -18.75 -8.41 -24.62
CA PRO A 184 -20.15 -8.12 -24.98
C PRO A 184 -20.45 -6.65 -25.26
N TYR A 185 -19.62 -5.71 -24.76
CA TYR A 185 -19.96 -4.30 -24.95
C TYR A 185 -19.80 -3.86 -26.40
N PRO A 186 -18.68 -4.11 -27.10
CA PRO A 186 -18.63 -3.77 -28.53
C PRO A 186 -19.60 -4.57 -29.38
N ILE A 187 -20.04 -5.74 -28.92
CA ILE A 187 -20.94 -6.57 -29.73
C ILE A 187 -22.36 -6.04 -29.67
N TYR A 188 -22.89 -5.83 -28.46
CA TYR A 188 -24.28 -5.48 -28.26
C TYR A 188 -24.48 -3.98 -28.04
N SER A 189 -23.68 -3.14 -28.69
CA SER A 189 -23.85 -1.69 -28.64
C SER A 189 -24.15 -1.20 -30.05
N ASN A 190 -25.31 -0.57 -30.23
CA ASN A 190 -25.74 -0.08 -31.53
C ASN A 190 -26.38 1.28 -31.36
N LEU A 191 -26.69 1.90 -32.51
CA LEU A 191 -27.33 3.21 -32.52
C LEU A 191 -28.84 3.04 -32.56
N VAL A 192 -29.55 3.71 -31.66
CA VAL A 192 -30.99 3.62 -31.54
C VAL A 192 -31.59 4.90 -32.13
N PRO A 193 -32.27 4.84 -33.26
CA PRO A 193 -32.84 6.06 -33.84
C PRO A 193 -34.03 6.55 -33.02
N PHE A 194 -34.22 7.88 -33.05
CA PHE A 194 -35.34 8.51 -32.36
C PHE A 194 -35.58 9.88 -32.96
N THR A 195 -36.80 10.39 -32.75
CA THR A 195 -37.21 11.68 -33.27
C THR A 195 -37.25 12.70 -32.14
N LYS A 196 -36.72 13.91 -32.41
CA LYS A 196 -36.65 14.95 -31.39
C LYS A 196 -37.78 15.95 -31.54
N ASN A 197 -37.66 16.88 -32.49
CA ASN A 197 -38.62 17.96 -32.66
C ASN A 197 -39.03 18.05 -34.13
N ASN A 198 -40.31 17.83 -34.40
CA ASN A 198 -40.89 17.96 -35.74
C ASN A 198 -40.19 17.02 -36.73
N ASN A 199 -40.22 15.73 -36.40
CA ASN A 199 -39.62 14.68 -37.23
C ASN A 199 -38.13 14.95 -37.46
N GLN A 200 -37.42 15.26 -36.37
CA GLN A 200 -35.98 15.46 -36.41
C GLN A 200 -35.31 14.14 -36.05
N THR A 201 -34.84 13.41 -37.06
CA THR A 201 -34.20 12.13 -36.80
C THR A 201 -32.87 12.32 -36.09
N ALA A 202 -32.63 11.49 -35.07
CA ALA A 202 -31.42 11.56 -34.28
C ALA A 202 -31.13 10.19 -33.68
N ASN A 203 -29.85 9.90 -33.49
CA ASN A 203 -29.41 8.61 -32.98
C ASN A 203 -28.90 8.76 -31.55
N MET A 204 -28.96 7.65 -30.82
CA MET A 204 -28.37 7.59 -29.48
C MET A 204 -27.68 6.25 -29.31
N CYS A 205 -26.62 6.24 -28.51
CA CYS A 205 -25.79 5.06 -28.29
C CYS A 205 -26.25 4.38 -27.01
N ARG A 206 -26.89 3.22 -27.16
CA ARG A 206 -27.43 2.48 -26.02
C ARG A 206 -26.92 1.04 -26.06
N PHE A 207 -26.69 0.49 -24.87
CA PHE A 207 -26.27 -0.91 -24.72
C PHE A 207 -27.53 -1.76 -24.59
N LEU A 208 -27.77 -2.63 -25.58
CA LEU A 208 -28.96 -3.46 -25.61
C LEU A 208 -28.58 -4.91 -25.84
N LEU A 209 -29.04 -5.78 -24.97
CA LEU A 209 -28.83 -7.21 -25.04
C LEU A 209 -30.09 -7.89 -25.58
N PRO A 210 -30.00 -9.19 -25.97
CA PRO A 210 -31.17 -9.86 -26.53
C PRO A 210 -32.43 -9.75 -25.70
N ASN A 211 -32.42 -10.25 -24.47
CA ASN A 211 -33.59 -10.21 -23.61
C ASN A 211 -33.25 -9.53 -22.29
N ASP A 212 -34.28 -9.29 -21.48
CA ASP A 212 -34.08 -8.65 -20.19
C ASP A 212 -33.39 -9.57 -19.20
N VAL A 213 -33.54 -10.89 -19.39
CA VAL A 213 -32.86 -11.83 -18.51
C VAL A 213 -31.34 -11.73 -18.69
N MET A 214 -30.89 -11.68 -19.94
CA MET A 214 -29.47 -11.50 -20.21
C MET A 214 -28.97 -10.12 -19.79
N GLN A 215 -29.87 -9.14 -19.66
CA GLN A 215 -29.46 -7.81 -19.21
C GLN A 215 -29.24 -7.79 -17.70
N GLN A 216 -30.19 -8.33 -16.93
CA GLN A 216 -30.07 -8.30 -15.47
C GLN A 216 -29.05 -9.29 -14.95
N SER A 217 -28.72 -10.33 -15.74
CA SER A 217 -27.65 -11.24 -15.34
C SER A 217 -26.27 -10.71 -15.67
N TRP A 218 -26.18 -9.69 -16.54
CA TRP A 218 -24.92 -9.06 -16.85
C TRP A 218 -24.53 -8.02 -15.81
N HIS A 219 -25.46 -7.12 -15.47
CA HIS A 219 -25.18 -6.11 -14.46
C HIS A 219 -25.00 -6.73 -13.08
N THR A 220 -25.64 -7.88 -12.84
CA THR A 220 -25.39 -8.61 -11.59
C THR A 220 -23.99 -9.22 -11.61
N PHE A 221 -23.56 -9.74 -12.77
CA PHE A 221 -22.22 -10.30 -12.89
C PHE A 221 -21.16 -9.23 -12.66
N LEU A 222 -21.38 -8.02 -13.18
CA LEU A 222 -20.40 -6.95 -13.02
C LEU A 222 -20.35 -6.44 -11.59
N LEU A 223 -21.52 -6.21 -10.97
CA LEU A 223 -21.54 -5.82 -9.58
C LEU A 223 -20.89 -6.86 -8.69
N LEU A 224 -20.93 -8.14 -9.10
CA LEU A 224 -20.33 -9.21 -8.31
C LEU A 224 -18.82 -9.32 -8.56
N ILE A 225 -18.39 -9.20 -9.82
CA ILE A 225 -16.98 -9.41 -10.15
C ILE A 225 -16.16 -8.13 -10.10
N LEU A 226 -16.79 -6.96 -10.04
CA LEU A 226 -16.06 -5.70 -10.05
C LEU A 226 -16.19 -4.89 -8.77
N PHE A 227 -17.04 -5.31 -7.83
CA PHE A 227 -17.28 -4.49 -6.64
C PHE A 227 -17.41 -5.34 -5.39
N LEU A 228 -18.25 -6.37 -5.43
CA LEU A 228 -18.49 -7.19 -4.25
C LEU A 228 -17.26 -8.06 -3.93
N ILE A 229 -16.81 -8.86 -4.91
CA ILE A 229 -15.64 -9.70 -4.68
C ILE A 229 -14.38 -8.85 -4.45
N PRO A 230 -14.07 -7.83 -5.26
CA PRO A 230 -12.93 -6.98 -4.92
C PRO A 230 -13.08 -6.25 -3.59
N GLY A 231 -14.30 -6.14 -3.08
CA GLY A 231 -14.53 -5.43 -1.83
C GLY A 231 -14.19 -6.25 -0.60
N ILE A 232 -14.59 -7.52 -0.59
CA ILE A 232 -14.34 -8.35 0.59
C ILE A 232 -12.88 -8.80 0.64
N VAL A 233 -12.25 -9.02 -0.52
CA VAL A 233 -10.85 -9.42 -0.51
C VAL A 233 -9.94 -8.26 -0.15
N MET A 234 -10.41 -7.02 -0.26
CA MET A 234 -9.62 -5.87 0.15
C MET A 234 -9.84 -5.50 1.61
N MET A 235 -11.02 -5.78 2.17
CA MET A 235 -11.23 -5.54 3.59
C MET A 235 -10.51 -6.57 4.46
N VAL A 236 -10.43 -7.82 3.99
CA VAL A 236 -9.67 -8.82 4.73
C VAL A 236 -8.17 -8.61 4.54
N ALA A 237 -7.78 -8.01 3.41
CA ALA A 237 -6.37 -7.69 3.19
C ALA A 237 -5.96 -6.47 4.00
N TYR A 238 -6.65 -5.36 3.81
CA TYR A 238 -6.33 -4.14 4.56
C TYR A 238 -6.69 -4.26 6.03
N GLY A 239 -7.61 -5.16 6.39
CA GLY A 239 -7.89 -5.39 7.80
C GLY A 239 -6.79 -6.17 8.49
N LEU A 240 -6.30 -7.22 7.84
CA LEU A 240 -5.18 -7.98 8.40
C LEU A 240 -3.89 -7.15 8.42
N ILE A 241 -3.73 -6.25 7.46
CA ILE A 241 -2.57 -5.36 7.46
C ILE A 241 -2.62 -4.41 8.64
N SER A 242 -3.79 -3.80 8.87
CA SER A 242 -3.95 -2.90 10.01
C SER A 242 -3.78 -3.61 11.34
N LEU A 243 -4.01 -4.92 11.39
CA LEU A 243 -3.77 -5.66 12.62
C LEU A 243 -2.28 -5.77 12.91
N GLU A 244 -1.47 -6.06 11.88
CA GLU A 244 -0.03 -6.15 12.06
C GLU A 244 0.57 -4.79 12.40
N LEU A 245 0.13 -3.74 11.70
CA LEU A 245 0.65 -2.40 11.97
C LEU A 245 0.26 -1.89 13.36
N TYR A 246 -0.84 -2.40 13.92
CA TYR A 246 -1.20 -2.01 15.28
C TYR A 246 -0.37 -2.74 16.33
N GLN A 247 0.24 -3.88 15.98
CA GLN A 247 1.13 -4.56 16.91
C GLN A 247 2.33 -3.71 17.28
N GLY A 248 2.65 -2.68 16.49
CA GLY A 248 3.70 -1.77 16.83
C GLY A 248 5.09 -2.37 16.64
N ILE A 249 6.08 -1.61 17.10
CA ILE A 249 7.47 -2.04 17.03
C ILE A 249 7.74 -3.02 18.17
N ASN A 250 8.55 -4.03 17.87
CA ASN A 250 8.93 -5.05 18.83
C ASN A 250 10.44 -5.02 19.03
N ILE A 251 10.94 -5.91 19.90
CA ILE A 251 12.36 -5.93 20.21
C ILE A 251 13.17 -6.47 19.04
N PHE A 252 12.62 -7.44 18.30
CA PHE A 252 13.36 -8.02 17.19
C PHE A 252 13.52 -7.01 16.05
N GLU A 253 12.52 -6.16 15.86
CA GLU A 253 12.65 -5.08 14.88
C GLU A 253 13.59 -3.99 15.38
N MET A 254 13.60 -3.73 16.69
CA MET A 254 14.47 -2.72 17.25
C MET A 254 15.94 -3.14 17.12
N LEU A 255 16.25 -4.38 17.50
CA LEU A 255 17.62 -4.86 17.39
C LEU A 255 18.06 -4.99 15.94
N ARG A 256 17.13 -5.28 15.04
CA ARG A 256 17.46 -5.35 13.61
C ARG A 256 17.74 -3.96 13.06
N ILE A 257 17.17 -2.93 13.67
CA ILE A 257 17.49 -1.56 13.28
C ILE A 257 18.84 -1.13 13.87
N ASP A 258 19.08 -1.46 15.14
CA ASP A 258 20.28 -1.02 15.83
C ASP A 258 21.54 -1.75 15.34
N GLU A 259 21.39 -2.91 14.71
CA GLU A 259 22.54 -3.71 14.28
C GLU A 259 22.66 -3.83 12.77
N GLY A 260 21.56 -4.11 12.08
CA GLY A 260 21.60 -4.31 10.65
C GLY A 260 22.08 -5.69 10.28
N LEU A 261 22.10 -5.96 8.98
CA LEU A 261 22.48 -7.26 8.44
C LEU A 261 23.66 -7.11 7.50
N ARG A 262 24.76 -7.78 7.82
CA ARG A 262 25.94 -7.85 6.95
C ARG A 262 26.31 -9.32 6.80
N LEU A 263 26.20 -9.84 5.57
CA LEU A 263 26.39 -11.26 5.35
C LEU A 263 27.84 -11.67 5.60
N LYS A 264 28.79 -10.89 5.10
CA LYS A 264 30.20 -11.20 5.32
C LYS A 264 30.61 -10.83 6.73
N ILE A 265 31.69 -11.48 7.20
CA ILE A 265 32.24 -11.15 8.51
C ILE A 265 32.79 -9.74 8.48
N TYR A 266 32.33 -8.90 9.42
CA TYR A 266 32.69 -7.49 9.44
C TYR A 266 33.09 -7.08 10.84
N LYS A 267 33.95 -6.07 10.91
CA LYS A 267 34.43 -5.54 12.19
C LYS A 267 33.35 -4.68 12.84
N ASP A 268 33.11 -4.91 14.12
CA ASP A 268 32.13 -4.14 14.87
C ASP A 268 32.79 -2.88 15.42
N THR A 269 32.17 -2.24 16.41
CA THR A 269 32.75 -1.03 16.98
C THR A 269 33.99 -1.34 17.82
N GLU A 270 34.03 -2.51 18.45
CA GLU A 270 35.19 -2.91 19.23
C GLU A 270 36.33 -3.42 18.36
N GLY A 271 36.04 -3.82 17.13
CA GLY A 271 37.04 -4.34 16.22
C GLY A 271 36.95 -5.83 15.97
N TYR A 272 36.23 -6.56 16.81
CA TYR A 272 36.10 -8.00 16.63
C TYR A 272 35.19 -8.32 15.44
N TYR A 273 35.37 -9.51 14.90
CA TYR A 273 34.57 -9.94 13.76
C TYR A 273 33.16 -10.32 14.21
N THR A 274 32.17 -9.68 13.59
CA THR A 274 30.77 -10.00 13.82
C THR A 274 30.13 -10.38 12.47
N ILE A 275 29.04 -11.15 12.55
CA ILE A 275 28.33 -11.60 11.37
C ILE A 275 26.84 -11.54 11.63
N GLY A 276 26.08 -11.45 10.54
CA GLY A 276 24.62 -11.43 10.66
C GLY A 276 24.15 -10.14 11.31
N ILE A 277 23.36 -10.30 12.38
CA ILE A 277 22.80 -9.15 13.08
C ILE A 277 23.47 -9.01 14.44
N GLY A 278 24.74 -8.61 14.44
CA GLY A 278 25.45 -8.39 15.69
C GLY A 278 25.87 -9.64 16.42
N HIS A 279 26.07 -10.74 15.70
CA HIS A 279 26.51 -11.99 16.31
C HIS A 279 28.03 -12.02 16.33
N LEU A 280 28.61 -11.82 17.52
CA LEU A 280 30.06 -11.86 17.65
C LEU A 280 30.60 -13.26 17.40
N LEU A 281 31.67 -13.34 16.63
CA LEU A 281 32.30 -14.63 16.36
C LEU A 281 33.21 -15.03 17.51
N THR A 282 34.23 -14.22 17.78
CA THR A 282 35.14 -14.47 18.89
C THR A 282 35.89 -13.18 19.21
N LYS A 283 36.15 -12.95 20.49
CA LYS A 283 36.92 -11.79 20.91
C LYS A 283 38.43 -12.02 20.77
N SER A 284 38.86 -13.27 20.72
CA SER A 284 40.27 -13.55 20.54
C SER A 284 40.70 -13.22 19.11
N PRO A 285 41.87 -12.63 18.91
CA PRO A 285 42.30 -12.28 17.55
C PRO A 285 42.67 -13.50 16.72
N SER A 286 41.66 -14.25 16.29
CA SER A 286 41.85 -15.46 15.49
C SER A 286 40.90 -15.41 14.31
N LEU A 287 41.44 -15.08 13.13
CA LEU A 287 40.63 -15.03 11.92
C LEU A 287 40.17 -16.42 11.49
N ASN A 288 40.89 -17.47 11.88
CA ASN A 288 40.47 -18.83 11.54
C ASN A 288 39.36 -19.31 12.46
N ALA A 289 39.42 -18.95 13.75
CA ALA A 289 38.38 -19.34 14.68
C ALA A 289 37.05 -18.66 14.38
N ALA A 290 37.07 -17.52 13.69
CA ALA A 290 35.82 -16.88 13.29
C ALA A 290 35.08 -17.72 12.26
N LYS A 291 35.82 -18.38 11.37
CA LYS A 291 35.19 -19.26 10.39
C LYS A 291 34.78 -20.59 11.00
N SER A 292 35.55 -21.10 11.97
CA SER A 292 35.22 -22.37 12.58
C SER A 292 34.02 -22.24 13.51
N GLU A 293 34.00 -21.20 14.35
CA GLU A 293 32.88 -20.99 15.26
C GLU A 293 31.59 -20.70 14.49
N LEU A 294 31.70 -20.06 13.33
CA LEU A 294 30.50 -19.82 12.52
C LEU A 294 29.98 -21.13 11.93
N ASP A 295 30.87 -21.91 11.31
CA ASP A 295 30.46 -23.19 10.73
C ASP A 295 30.07 -24.21 11.80
N LYS A 296 30.52 -24.02 13.05
CA LYS A 296 30.10 -24.90 14.13
C LYS A 296 28.62 -24.70 14.46
N ALA A 297 28.15 -23.45 14.40
CA ALA A 297 26.74 -23.18 14.68
C ALA A 297 25.85 -23.59 13.52
N ILE A 298 26.17 -23.13 12.31
CA ILE A 298 25.37 -23.46 11.12
C ILE A 298 25.69 -24.88 10.67
N GLY A 299 25.07 -25.32 9.59
CA GLY A 299 25.18 -26.68 9.12
C GLY A 299 26.13 -26.91 7.96
N ARG A 300 26.94 -25.93 7.59
CA ARG A 300 27.89 -26.11 6.49
C ARG A 300 28.99 -25.08 6.63
N ASN A 301 30.05 -25.28 5.84
CA ASN A 301 31.20 -24.37 5.82
C ASN A 301 30.96 -23.31 4.74
N THR A 302 30.17 -22.29 5.12
CA THR A 302 29.86 -21.20 4.20
C THR A 302 31.05 -20.27 3.95
N ASN A 303 32.11 -20.38 4.76
CA ASN A 303 33.29 -19.53 4.65
C ASN A 303 32.91 -18.05 4.76
N GLY A 304 31.92 -17.76 5.61
CA GLY A 304 31.47 -16.40 5.82
C GLY A 304 30.33 -15.95 4.94
N VAL A 305 29.70 -16.86 4.21
CA VAL A 305 28.60 -16.51 3.32
C VAL A 305 27.30 -17.14 3.84
N ILE A 306 26.75 -16.58 4.91
CA ILE A 306 25.51 -17.07 5.47
C ILE A 306 24.34 -16.48 4.70
N THR A 307 23.35 -17.32 4.40
CA THR A 307 22.15 -16.83 3.73
C THR A 307 21.31 -15.99 4.68
N LYS A 308 20.33 -15.29 4.12
CA LYS A 308 19.52 -14.38 4.92
C LYS A 308 18.63 -15.12 5.90
N ASP A 309 18.17 -16.33 5.54
CA ASP A 309 17.39 -17.13 6.47
C ASP A 309 18.27 -17.81 7.51
N GLU A 310 19.56 -17.99 7.24
CA GLU A 310 20.46 -18.55 8.23
C GLU A 310 20.76 -17.55 9.34
N ALA A 311 20.87 -16.26 8.98
CA ALA A 311 21.14 -15.24 9.99
C ALA A 311 19.95 -15.02 10.91
N GLU A 312 18.73 -15.22 10.42
CA GLU A 312 17.56 -15.06 11.26
C GLU A 312 17.45 -16.16 12.30
N LYS A 313 17.89 -17.38 11.96
CA LYS A 313 17.89 -18.46 12.94
C LYS A 313 18.94 -18.21 14.02
N LEU A 314 20.10 -17.66 13.64
CA LEU A 314 21.11 -17.34 14.62
C LEU A 314 20.75 -16.09 15.42
N PHE A 315 20.01 -15.15 14.81
CA PHE A 315 19.59 -13.96 15.53
C PHE A 315 18.52 -14.30 16.56
N ASN A 316 17.64 -15.25 16.25
CA ASN A 316 16.64 -15.68 17.21
C ASN A 316 17.28 -16.42 18.37
N GLN A 317 18.35 -17.18 18.12
CA GLN A 317 19.02 -17.91 19.19
C GLN A 317 19.80 -16.98 20.11
N ASP A 318 20.37 -15.90 19.55
CA ASP A 318 21.14 -14.97 20.36
C ASP A 318 20.25 -14.20 21.34
N VAL A 319 19.03 -13.87 20.90
CA VAL A 319 18.10 -13.15 21.78
C VAL A 319 17.67 -14.06 22.93
N ASP A 320 17.46 -15.35 22.65
CA ASP A 320 17.11 -16.29 23.71
C ASP A 320 18.27 -16.42 24.71
N ALA A 321 19.50 -16.37 24.23
CA ALA A 321 20.65 -16.42 25.11
C ALA A 321 20.82 -15.14 25.92
N ALA A 322 20.29 -14.02 25.43
CA ALA A 322 20.34 -12.75 26.14
C ALA A 322 19.22 -12.60 27.16
N VAL A 323 18.04 -13.16 26.89
CA VAL A 323 16.94 -13.05 27.85
C VAL A 323 17.10 -14.09 28.97
N ARG A 324 17.70 -15.23 28.68
CA ARG A 324 17.96 -16.21 29.73
C ARG A 324 19.20 -15.87 30.54
N GLY A 325 20.08 -15.01 30.03
CA GLY A 325 21.15 -14.48 30.84
C GLY A 325 20.67 -13.45 31.85
N ILE A 326 19.58 -12.77 31.53
CA ILE A 326 18.98 -11.84 32.48
C ILE A 326 18.30 -12.60 33.61
N LEU A 327 17.65 -13.73 33.28
CA LEU A 327 16.92 -14.49 34.28
C LEU A 327 17.85 -15.14 35.30
N ARG A 328 19.04 -15.56 34.87
CA ARG A 328 19.99 -16.17 35.80
C ARG A 328 20.75 -15.14 36.62
N ASN A 329 20.78 -13.89 36.18
CA ASN A 329 21.49 -12.84 36.89
C ASN A 329 20.66 -12.33 38.06
N ALA A 330 21.26 -12.29 39.24
CA ALA A 330 20.56 -11.85 40.45
C ALA A 330 20.44 -10.34 40.55
N LYS A 331 21.02 -9.59 39.61
CA LYS A 331 20.89 -8.14 39.59
C LYS A 331 20.02 -7.62 38.45
N LEU A 332 19.96 -8.35 37.34
CA LEU A 332 19.17 -7.94 36.19
C LEU A 332 17.73 -8.44 36.26
N LYS A 333 17.49 -9.60 36.88
CA LYS A 333 16.16 -10.18 36.96
C LYS A 333 15.22 -9.34 37.82
N PRO A 334 15.64 -8.82 38.98
CA PRO A 334 14.72 -7.97 39.76
C PRO A 334 14.21 -6.76 39.01
N VAL A 335 15.06 -6.11 38.21
CA VAL A 335 14.61 -4.92 37.47
C VAL A 335 13.88 -5.30 36.19
N TYR A 336 14.11 -6.50 35.66
CA TYR A 336 13.41 -6.90 34.44
C TYR A 336 11.94 -7.20 34.71
N ASP A 337 11.64 -7.78 35.86
CA ASP A 337 10.26 -8.15 36.17
C ASP A 337 9.38 -6.95 36.49
N SER A 338 9.97 -5.79 36.76
CA SER A 338 9.22 -4.60 37.14
C SER A 338 9.28 -3.50 36.09
N LEU A 339 9.54 -3.87 34.83
CA LEU A 339 9.63 -2.91 33.75
C LEU A 339 8.49 -3.11 32.75
N ASP A 340 8.20 -2.05 32.01
CA ASP A 340 7.20 -2.12 30.96
C ASP A 340 7.74 -2.93 29.78
N ALA A 341 6.82 -3.38 28.92
CA ALA A 341 7.21 -4.14 27.74
C ALA A 341 8.15 -3.33 26.85
N VAL A 342 7.96 -2.01 26.78
CA VAL A 342 8.86 -1.16 26.00
C VAL A 342 10.21 -1.05 26.71
N ARG A 343 10.20 -0.89 28.03
CA ARG A 343 11.44 -0.75 28.78
C ARG A 343 12.14 -2.09 28.97
N ARG A 344 11.38 -3.20 28.99
CA ARG A 344 12.01 -4.52 29.07
C ARG A 344 12.83 -4.80 27.82
N ALA A 345 12.32 -4.41 26.65
CA ALA A 345 13.06 -4.63 25.42
C ALA A 345 14.37 -3.83 25.40
N ALA A 346 14.38 -2.65 26.01
CA ALA A 346 15.59 -1.85 26.04
C ALA A 346 16.67 -2.50 26.88
N LEU A 347 16.27 -3.17 27.97
CA LEU A 347 17.24 -3.86 28.81
C LEU A 347 17.87 -5.04 28.07
N ILE A 348 17.08 -5.74 27.26
CA ILE A 348 17.63 -6.85 26.49
C ILE A 348 18.47 -6.34 25.33
N ASN A 349 18.15 -5.16 24.79
CA ASN A 349 18.99 -4.56 23.77
C ASN A 349 20.39 -4.29 24.30
N MET A 350 20.49 -3.91 25.58
CA MET A 350 21.79 -3.67 26.17
C MET A 350 22.55 -4.98 26.41
N VAL A 351 21.84 -6.02 26.85
CA VAL A 351 22.48 -7.32 27.05
C VAL A 351 22.96 -7.90 25.72
N PHE A 352 22.22 -7.62 24.64
CA PHE A 352 22.64 -8.11 23.32
C PHE A 352 23.95 -7.50 22.89
N GLN A 353 24.17 -6.21 23.21
CA GLN A 353 25.36 -5.50 22.77
C GLN A 353 26.52 -5.66 23.75
N MET A 354 26.25 -5.60 25.05
CA MET A 354 27.31 -5.57 26.05
C MET A 354 27.50 -6.90 26.78
N GLY A 355 26.45 -7.70 26.92
CA GLY A 355 26.53 -8.94 27.66
C GLY A 355 25.89 -8.84 29.04
N GLU A 356 25.68 -10.01 29.64
CA GLU A 356 25.02 -10.07 30.94
C GLU A 356 25.86 -9.41 32.03
N THR A 357 27.16 -9.72 32.07
CA THR A 357 28.01 -9.18 33.11
C THR A 357 28.25 -7.68 32.94
N GLY A 358 28.28 -7.20 31.71
CA GLY A 358 28.56 -5.79 31.49
C GLY A 358 27.44 -4.89 31.98
N VAL A 359 26.19 -5.22 31.62
CA VAL A 359 25.07 -4.37 32.02
C VAL A 359 24.74 -4.55 33.49
N ALA A 360 25.03 -5.73 34.05
CA ALA A 360 24.81 -5.95 35.48
C ALA A 360 25.68 -5.05 36.35
N GLY A 361 26.78 -4.52 35.80
CA GLY A 361 27.60 -3.56 36.50
C GLY A 361 27.04 -2.15 36.55
N PHE A 362 25.96 -1.88 35.82
CA PHE A 362 25.30 -0.59 35.87
C PHE A 362 24.43 -0.49 37.12
N THR A 363 25.04 -0.71 38.29
CA THR A 363 24.27 -0.82 39.52
C THR A 363 23.54 0.48 39.86
N ASN A 364 24.15 1.63 39.54
CA ASN A 364 23.48 2.90 39.82
C ASN A 364 22.27 3.09 38.90
N SER A 365 22.42 2.78 37.61
CA SER A 365 21.30 2.93 36.69
C SER A 365 20.25 1.84 36.89
N LEU A 366 20.68 0.63 37.24
CA LEU A 366 19.73 -0.47 37.43
C LEU A 366 18.81 -0.18 38.61
N ARG A 367 19.34 0.38 39.69
CA ARG A 367 18.49 0.74 40.81
C ARG A 367 17.59 1.92 40.47
N MET A 368 18.11 2.87 39.67
CA MET A 368 17.29 4.00 39.24
C MET A 368 16.12 3.54 38.39
N LEU A 369 16.33 2.52 37.55
CA LEU A 369 15.23 1.96 36.79
C LEU A 369 14.22 1.26 37.70
N GLN A 370 14.71 0.54 38.71
CA GLN A 370 13.81 -0.08 39.68
C GLN A 370 13.13 0.96 40.55
N GLN A 371 13.77 2.13 40.74
CA GLN A 371 13.16 3.23 41.47
C GLN A 371 12.15 4.01 40.64
N LYS A 372 11.87 3.56 39.41
CA LYS A 372 10.90 4.14 38.50
C LYS A 372 11.21 5.62 38.19
N ARG A 373 12.34 6.12 38.68
CA ARG A 373 12.81 7.47 38.36
C ARG A 373 13.51 7.40 37.01
N TRP A 374 12.75 7.68 35.95
CA TRP A 374 13.23 7.44 34.59
C TRP A 374 14.15 8.55 34.11
N ASP A 375 13.77 9.81 34.34
CA ASP A 375 14.57 10.93 33.84
C ASP A 375 15.95 10.96 34.48
N GLU A 376 16.06 10.50 35.73
CA GLU A 376 17.36 10.46 36.39
C GLU A 376 18.21 9.31 35.88
N ALA A 377 17.59 8.17 35.56
CA ALA A 377 18.33 7.05 35.00
C ALA A 377 18.87 7.37 33.62
N ALA A 378 18.21 8.27 32.89
CA ALA A 378 18.70 8.66 31.58
C ALA A 378 19.99 9.46 31.68
N VAL A 379 20.07 10.37 32.65
CA VAL A 379 21.29 11.16 32.83
C VAL A 379 22.44 10.29 33.31
N ASN A 380 22.14 9.30 34.16
CA ASN A 380 23.18 8.40 34.63
C ASN A 380 23.70 7.50 33.52
N LEU A 381 22.84 7.11 32.58
CA LEU A 381 23.27 6.27 31.47
C LEU A 381 23.97 7.04 30.38
N ALA A 382 23.75 8.35 30.29
CA ALA A 382 24.40 9.19 29.29
C ALA A 382 25.83 9.56 29.67
N LYS A 383 26.36 9.00 30.75
CA LYS A 383 27.72 9.30 31.20
C LYS A 383 28.60 8.05 31.24
N SER A 384 28.17 6.95 30.62
CA SER A 384 28.91 5.70 30.68
C SER A 384 29.82 5.55 29.46
N ARG A 385 30.61 4.47 29.45
CA ARG A 385 31.44 4.18 28.29
C ARG A 385 30.60 3.71 27.10
N TRP A 386 29.50 3.02 27.37
CA TRP A 386 28.64 2.54 26.29
C TRP A 386 28.01 3.70 25.52
N TYR A 387 27.73 4.82 26.20
CA TYR A 387 27.16 5.96 25.51
C TYR A 387 28.20 6.66 24.63
N ASN A 388 29.46 6.67 25.04
CA ASN A 388 30.50 7.33 24.25
C ASN A 388 31.05 6.43 23.16
N GLN A 389 30.98 5.10 23.32
CA GLN A 389 31.44 4.20 22.28
C GLN A 389 30.47 4.15 21.11
N THR A 390 29.17 4.16 21.40
CA THR A 390 28.12 4.17 20.37
C THR A 390 27.06 5.18 20.77
N PRO A 391 27.27 6.46 20.44
CA PRO A 391 26.32 7.49 20.88
C PRO A 391 24.95 7.35 20.25
N ASN A 392 24.87 7.03 18.96
CA ASN A 392 23.57 6.99 18.28
C ASN A 392 22.73 5.83 18.79
N ARG A 393 23.34 4.65 18.95
CA ARG A 393 22.59 3.51 19.48
C ARG A 393 22.18 3.75 20.92
N ALA A 394 23.03 4.40 21.71
CA ALA A 394 22.73 4.59 23.13
C ALA A 394 21.63 5.62 23.35
N LYS A 395 21.53 6.64 22.49
CA LYS A 395 20.51 7.65 22.66
C LYS A 395 19.12 7.07 22.44
N ARG A 396 18.98 6.15 21.47
CA ARG A 396 17.69 5.54 21.20
C ARG A 396 17.24 4.67 22.36
N VAL A 397 18.14 3.84 22.90
CA VAL A 397 17.78 2.95 23.99
C VAL A 397 17.45 3.73 25.25
N ILE A 398 18.05 4.92 25.42
CA ILE A 398 17.79 5.72 26.60
C ILE A 398 16.43 6.40 26.51
N THR A 399 16.06 6.90 25.33
CA THR A 399 14.77 7.57 25.17
C THR A 399 13.61 6.60 25.36
N THR A 400 13.82 5.32 25.07
CA THR A 400 12.78 4.33 25.38
C THR A 400 12.66 4.08 26.88
N PHE A 401 13.80 4.15 27.60
CA PHE A 401 13.74 4.05 29.06
C PHE A 401 13.05 5.26 29.67
N ARG A 402 13.31 6.45 29.13
CA ARG A 402 12.77 7.67 29.72
C ARG A 402 11.27 7.79 29.47
N THR A 403 10.81 7.51 28.25
CA THR A 403 9.43 7.72 27.88
C THR A 403 8.58 6.46 27.93
N GLY A 404 9.18 5.28 27.84
CA GLY A 404 8.41 4.06 27.78
C GLY A 404 7.66 3.88 26.48
N THR A 405 8.07 4.57 25.42
CA THR A 405 7.44 4.48 24.11
C THR A 405 8.46 4.09 23.07
N TRP A 406 7.97 3.59 21.94
CA TRP A 406 8.81 3.19 20.82
C TRP A 406 9.10 4.34 19.86
N ASP A 407 8.97 5.59 20.33
CA ASP A 407 9.13 6.75 19.45
C ASP A 407 10.53 6.84 18.85
N ALA A 408 11.54 6.26 19.50
CA ALA A 408 12.89 6.29 18.96
C ALA A 408 13.04 5.41 17.72
N TYR A 409 12.19 4.39 17.57
CA TYR A 409 12.25 3.50 16.42
C TYR A 409 10.98 3.52 15.59
N ALA A 410 10.04 4.42 15.90
CA ALA A 410 8.78 4.52 15.16
C ALA A 410 8.98 5.41 13.94
N ALA A 411 9.75 4.90 12.98
CA ALA A 411 10.03 5.61 11.74
C ALA A 411 9.53 4.82 10.54
N ASN A 412 10.10 3.65 10.27
CA ASN A 412 9.63 2.84 9.14
C ASN A 412 8.21 2.33 9.36
N LEU A 413 7.81 2.13 10.62
CA LEU A 413 6.43 1.74 10.89
C LEU A 413 5.47 2.89 10.59
N MET A 414 5.88 4.13 10.88
CA MET A 414 5.03 5.27 10.60
C MET A 414 4.97 5.57 9.11
N ALA A 415 6.01 5.22 8.37
CA ALA A 415 5.98 5.34 6.91
C ALA A 415 5.11 4.27 6.27
N LYS A 416 5.10 3.06 6.84
CA LYS A 416 4.19 2.03 6.35
C LYS A 416 2.75 2.34 6.69
N LYS A 417 2.51 3.05 7.81
CA LYS A 417 1.15 3.47 8.14
C LYS A 417 0.66 4.56 7.21
N ARG A 418 1.58 5.39 6.69
CA ARG A 418 1.19 6.48 5.79
C ARG A 418 0.77 5.94 4.42
N VAL A 419 1.45 4.89 3.95
CA VAL A 419 1.13 4.34 2.64
C VAL A 419 -0.20 3.61 2.67
N ILE A 420 -0.46 2.84 3.74
CA ILE A 420 -1.70 2.08 3.82
C ILE A 420 -2.89 3.01 3.96
N ARG A 421 -2.75 4.09 4.73
CA ARG A 421 -3.85 5.03 4.87
C ARG A 421 -4.18 5.71 3.55
N MET A 422 -3.17 5.95 2.72
CA MET A 422 -3.42 6.52 1.39
C MET A 422 -4.11 5.50 0.49
N LEU A 423 -3.65 4.25 0.53
CA LEU A 423 -4.24 3.21 -0.32
C LEU A 423 -5.69 2.92 0.08
N ILE A 424 -6.02 3.09 1.36
CA ILE A 424 -7.40 2.88 1.80
C ILE A 424 -8.30 4.01 1.31
N VAL A 425 -7.77 5.23 1.22
CA VAL A 425 -8.57 6.36 0.79
C VAL A 425 -8.91 6.26 -0.70
N ILE A 426 -7.93 5.87 -1.52
CA ILE A 426 -8.19 5.79 -2.95
C ILE A 426 -9.16 4.66 -3.27
N VAL A 427 -9.23 3.65 -2.42
CA VAL A 427 -10.19 2.57 -2.63
C VAL A 427 -11.60 3.04 -2.28
N VAL A 428 -11.75 3.74 -1.15
CA VAL A 428 -13.05 4.25 -0.76
C VAL A 428 -13.54 5.30 -1.76
N LEU A 429 -12.64 6.18 -2.22
CA LEU A 429 -13.03 7.19 -3.19
C LEU A 429 -13.39 6.56 -4.54
N PHE A 430 -12.69 5.50 -4.93
CA PHE A 430 -13.00 4.84 -6.19
C PHE A 430 -14.38 4.16 -6.14
N PHE A 431 -14.70 3.51 -5.02
CA PHE A 431 -15.99 2.86 -4.90
C PHE A 431 -17.12 3.87 -4.76
N LEU A 432 -16.86 4.98 -4.07
CA LEU A 432 -17.89 6.01 -3.91
C LEU A 432 -18.27 6.64 -5.24
N CYS A 433 -17.36 6.64 -6.21
CA CYS A 433 -17.61 7.26 -7.50
C CYS A 433 -18.34 6.34 -8.47
N TRP A 434 -18.03 5.04 -8.47
CA TRP A 434 -18.55 4.12 -9.46
C TRP A 434 -19.74 3.31 -8.97
N MET A 435 -20.11 3.43 -7.69
CA MET A 435 -21.28 2.72 -7.18
C MET A 435 -22.59 3.33 -7.68
N PRO A 436 -22.74 4.67 -7.72
CA PRO A 436 -24.01 5.22 -8.21
C PRO A 436 -24.36 4.79 -9.64
N ILE A 437 -23.37 4.64 -10.51
CA ILE A 437 -23.68 4.30 -11.90
C ILE A 437 -23.95 2.80 -12.05
N PHE A 438 -23.23 1.97 -11.31
CA PHE A 438 -23.47 0.52 -11.41
C PHE A 438 -24.78 0.13 -10.74
N SER A 439 -25.14 0.80 -9.65
CA SER A 439 -26.42 0.53 -9.01
C SER A 439 -27.58 1.05 -9.86
N ALA A 440 -27.40 2.19 -10.51
CA ALA A 440 -28.45 2.71 -11.39
C ALA A 440 -28.59 1.86 -12.64
N ASN A 441 -27.51 1.24 -13.10
CA ASN A 441 -27.61 0.34 -14.25
C ASN A 441 -28.34 -0.95 -13.88
N ALA A 442 -28.25 -1.37 -12.62
CA ALA A 442 -29.03 -2.53 -12.18
C ALA A 442 -30.51 -2.17 -12.05
N TRP A 443 -30.80 -0.97 -11.56
CA TRP A 443 -32.19 -0.51 -11.51
C TRP A 443 -32.77 -0.41 -12.91
N ARG A 444 -31.96 0.01 -13.89
CA ARG A 444 -32.43 0.10 -15.26
C ARG A 444 -32.63 -1.28 -15.88
N ALA A 445 -31.91 -2.29 -15.38
CA ALA A 445 -32.06 -3.64 -15.91
C ALA A 445 -33.24 -4.39 -15.32
N TYR A 446 -33.69 -4.01 -14.12
CA TYR A 446 -34.85 -4.64 -13.50
C TYR A 446 -36.14 -3.86 -13.68
N ASP A 447 -36.07 -2.52 -13.72
CA ASP A 447 -37.23 -1.66 -13.90
C ASP A 447 -36.80 -0.51 -14.81
N THR A 448 -36.76 -0.79 -16.12
CA THR A 448 -36.26 0.18 -17.08
C THR A 448 -37.15 1.42 -17.14
N ALA A 449 -38.46 1.24 -16.96
CA ALA A 449 -39.38 2.38 -17.07
C ALA A 449 -39.19 3.35 -15.92
N SER A 450 -39.13 2.85 -14.69
CA SER A 450 -39.04 3.72 -13.53
C SER A 450 -37.65 4.33 -13.38
N ALA A 451 -36.62 3.57 -13.72
CA ALA A 451 -35.25 4.08 -13.59
C ALA A 451 -34.98 5.20 -14.59
N GLU A 452 -35.40 5.01 -15.84
CA GLU A 452 -35.20 6.04 -16.86
C GLU A 452 -36.08 7.26 -16.61
N ARG A 453 -37.25 7.05 -16.00
CA ARG A 453 -38.17 8.17 -15.77
C ARG A 453 -37.63 9.10 -14.69
N ARG A 454 -37.13 8.54 -13.58
CA ARG A 454 -36.74 9.37 -12.45
C ARG A 454 -35.40 10.05 -12.66
N LEU A 455 -34.49 9.40 -13.39
CA LEU A 455 -33.13 9.93 -13.57
C LEU A 455 -32.72 9.70 -15.02
N SER A 456 -32.76 10.78 -15.82
CA SER A 456 -32.34 10.69 -17.21
C SER A 456 -31.89 12.05 -17.74
N GLY A 457 -32.33 13.12 -17.10
CA GLY A 457 -31.93 14.46 -17.47
C GLY A 457 -30.72 14.93 -16.68
N THR A 458 -30.95 15.65 -15.59
CA THR A 458 -29.89 16.17 -14.73
C THR A 458 -29.37 15.15 -13.71
N PRO A 459 -30.19 14.25 -13.14
CA PRO A 459 -29.63 13.31 -12.16
C PRO A 459 -28.58 12.37 -12.74
N ILE A 460 -28.87 11.75 -13.88
CA ILE A 460 -27.86 10.90 -14.53
C ILE A 460 -26.71 11.72 -15.09
N SER A 461 -26.91 13.02 -15.34
CA SER A 461 -25.80 13.85 -15.80
C SER A 461 -24.79 14.08 -14.70
N PHE A 462 -25.23 14.13 -13.45
CA PHE A 462 -24.33 14.28 -12.31
C PHE A 462 -23.79 12.94 -11.82
N ILE A 463 -24.57 11.87 -11.98
CA ILE A 463 -24.09 10.53 -11.60
C ILE A 463 -22.89 10.15 -12.44
N LEU A 464 -22.97 10.39 -13.76
CA LEU A 464 -21.82 10.12 -14.62
C LEU A 464 -20.66 11.05 -14.31
N LEU A 465 -20.94 12.29 -13.92
CA LEU A 465 -19.88 13.23 -13.59
C LEU A 465 -19.11 12.77 -12.36
N LEU A 466 -19.80 12.15 -11.40
CA LEU A 466 -19.13 11.61 -10.22
C LEU A 466 -18.21 10.45 -10.60
N SER A 467 -18.63 9.64 -11.58
CA SER A 467 -17.80 8.51 -11.99
C SER A 467 -16.55 8.95 -12.74
N TYR A 468 -16.58 10.13 -13.36
CA TYR A 468 -15.43 10.65 -14.08
C TYR A 468 -14.45 11.40 -13.19
N THR A 469 -14.90 11.89 -12.03
CA THR A 469 -14.00 12.53 -11.09
C THR A 469 -13.01 11.53 -10.49
N SER A 470 -13.35 10.24 -10.49
CA SER A 470 -12.48 9.22 -9.93
C SER A 470 -11.13 9.14 -10.64
N SER A 471 -11.07 9.61 -11.90
CA SER A 471 -9.82 9.53 -12.65
C SER A 471 -8.80 10.57 -12.20
N CYS A 472 -9.25 11.69 -11.64
CA CYS A 472 -8.35 12.77 -11.25
C CYS A 472 -8.06 12.81 -9.76
N VAL A 473 -8.83 12.11 -8.93
CA VAL A 473 -8.64 12.21 -7.49
C VAL A 473 -7.37 11.48 -7.06
N ASN A 474 -6.94 10.46 -7.81
CA ASN A 474 -5.74 9.74 -7.43
C ASN A 474 -4.49 10.59 -7.56
N PRO A 475 -4.26 11.35 -8.66
CA PRO A 475 -3.10 12.25 -8.67
C PRO A 475 -3.14 13.32 -7.61
N ILE A 476 -4.33 13.80 -7.23
CA ILE A 476 -4.43 14.83 -6.20
C ILE A 476 -3.95 14.30 -4.86
N ILE A 477 -4.22 13.03 -4.56
CA ILE A 477 -3.80 12.46 -3.29
C ILE A 477 -2.29 12.27 -3.27
N TYR A 478 -1.70 11.87 -4.41
CA TYR A 478 -0.25 11.73 -4.47
C TYR A 478 0.45 13.03 -4.12
N CYS A 479 -0.10 14.17 -4.56
CA CYS A 479 0.50 15.46 -4.26
C CYS A 479 0.37 15.81 -2.79
N PHE A 480 -0.83 15.64 -2.24
CA PHE A 480 -1.13 16.06 -0.87
C PHE A 480 -0.37 15.27 0.19
N MET A 481 0.44 14.29 -0.24
CA MET A 481 1.21 13.52 0.72
C MET A 481 2.52 14.22 1.10
N ASN A 482 3.16 14.88 0.14
CA ASN A 482 4.48 15.47 0.36
C ASN A 482 4.43 16.98 0.13
N LYS A 483 4.26 17.73 1.22
CA LYS A 483 4.45 19.18 1.30
C LYS A 483 3.55 19.99 0.37
N ARG A 484 2.60 19.35 -0.32
CA ARG A 484 1.63 20.13 -1.09
C ARG A 484 0.73 20.96 -0.19
N PHE A 485 0.55 20.54 1.07
CA PHE A 485 -0.19 21.33 2.04
C PHE A 485 0.51 22.62 2.42
N ARG A 486 1.78 22.79 2.02
CA ARG A 486 2.47 24.05 2.23
C ARG A 486 1.88 25.17 1.37
N LEU A 487 1.45 24.83 0.16
CA LEU A 487 0.90 25.83 -0.75
C LEU A 487 -0.38 26.43 -0.20
N GLY A 488 -0.62 27.69 -0.54
CA GLY A 488 -1.80 28.40 -0.08
C GLY A 488 -2.02 29.72 -0.78
N ASP B 1 -36.00 14.51 -24.65
CA ASP B 1 -36.42 13.11 -24.77
C ASP B 1 -35.22 12.23 -25.11
N GLY B 4 -32.83 7.71 -20.89
CA GLY B 4 -31.87 6.65 -20.72
C GLY B 4 -30.48 7.26 -20.67
N TRP B 5 -29.46 6.45 -20.94
CA TRP B 5 -28.10 6.95 -20.93
C TRP B 5 -27.15 5.98 -21.61
#